data_1KOF
#
_entry.id   1KOF
#
_cell.length_a   42.740
_cell.length_b   88.410
_cell.length_c   51.480
_cell.angle_alpha   90.00
_cell.angle_beta   105.76
_cell.angle_gamma   90.00
#
_symmetry.space_group_name_H-M   'P 1 21 1'
#
loop_
_entity.id
_entity.type
_entity.pdbx_description
1 polymer 'Gluconate kinase'
2 non-polymer 'MAGNESIUM ION'
3 non-polymer 'PHOSPHOMETHYLPHOSPHONIC ACID ADENYLATE ESTER'
4 water water
#
_entity_poly.entity_id   1
_entity_poly.type   'polypeptide(L)'
_entity_poly.pdbx_seq_one_letter_code
;MSTTNHDHHIYVLMGVSGSGKSAVASEVAHQLHAAFLDGDFLHPRRNIEKMASGEPLNDDDRKPWLQALNDAAFAMQRTN
KVSLIVCSALKKHYRDLLREGNPNLSFIYLKGDFDVIESRLKARKGHFFKTQMLVTQFETLQEPGADETDVLVVDIDQPL
EGVVASTIEVIKKGK
;
_entity_poly.pdbx_strand_id   A,B
#
loop_
_chem_comp.id
_chem_comp.type
_chem_comp.name
_chem_comp.formula
ACP non-polymer 'PHOSPHOMETHYLPHOSPHONIC ACID ADENYLATE ESTER' 'C11 H18 N5 O12 P3'
MG non-polymer 'MAGNESIUM ION' 'Mg 2'
#
# COMPACT_ATOMS: atom_id res chain seq x y z
N THR A 3 22.62 2.71 0.41
CA THR A 3 21.20 2.40 0.85
C THR A 3 20.28 1.69 -0.13
N THR A 4 20.59 1.69 -1.45
CA THR A 4 19.84 0.89 -2.39
C THR A 4 20.27 -0.58 -2.28
N ASN A 5 19.46 -1.43 -1.66
CA ASN A 5 19.73 -2.87 -1.51
C ASN A 5 19.58 -3.54 -2.83
N HIS A 6 20.66 -3.82 -3.54
CA HIS A 6 20.51 -4.37 -4.89
C HIS A 6 20.11 -5.82 -4.83
N ASP A 7 19.59 -6.27 -3.70
CA ASP A 7 19.25 -7.68 -3.65
C ASP A 7 17.80 -7.85 -3.43
N HIS A 8 17.14 -6.71 -3.23
CA HIS A 8 15.69 -6.60 -3.11
C HIS A 8 15.24 -5.86 -4.36
N HIS A 9 14.09 -6.23 -4.91
CA HIS A 9 13.60 -5.70 -6.19
C HIS A 9 12.16 -5.26 -6.14
N ILE A 10 11.83 -4.26 -6.93
CA ILE A 10 10.49 -3.71 -6.99
C ILE A 10 9.94 -3.96 -8.36
N TYR A 11 8.73 -4.49 -8.42
CA TYR A 11 8.07 -4.71 -9.70
C TYR A 11 6.90 -3.79 -9.79
N VAL A 12 6.79 -3.08 -10.90
CA VAL A 12 5.61 -2.25 -11.12
C VAL A 12 4.63 -2.86 -12.08
N LEU A 13 3.43 -3.17 -11.63
CA LEU A 13 2.43 -3.73 -12.57
C LEU A 13 1.85 -2.63 -13.40
N MET A 14 2.22 -2.56 -14.68
CA MET A 14 1.75 -1.52 -15.58
C MET A 14 0.75 -2.02 -16.60
N GLY A 15 0.20 -1.12 -17.39
CA GLY A 15 -0.80 -1.54 -18.35
C GLY A 15 -2.03 -0.69 -18.32
N VAL A 16 -2.94 -0.97 -19.20
CA VAL A 16 -4.07 -0.05 -19.24
C VAL A 16 -5.09 -0.29 -18.13
N SER A 17 -5.95 0.68 -17.91
CA SER A 17 -7.01 0.46 -16.96
C SER A 17 -7.95 -0.59 -17.51
N GLY A 18 -7.99 -1.75 -16.86
CA GLY A 18 -8.83 -2.85 -17.29
C GLY A 18 -8.04 -4.12 -17.41
N SER A 19 -6.71 -4.01 -17.54
CA SER A 19 -5.82 -5.14 -17.76
C SER A 19 -5.46 -6.00 -16.54
N GLY A 20 -6.05 -5.74 -15.38
CA GLY A 20 -5.88 -6.62 -14.25
C GLY A 20 -4.83 -6.22 -13.25
N LYS A 21 -4.46 -4.95 -13.21
CA LYS A 21 -3.36 -4.54 -12.38
C LYS A 21 -3.58 -4.83 -10.93
N SER A 22 -4.70 -4.43 -10.38
CA SER A 22 -4.90 -4.60 -8.94
C SER A 22 -5.20 -6.04 -8.48
N ALA A 23 -6.03 -6.70 -9.27
CA ALA A 23 -6.45 -8.03 -8.98
C ALA A 23 -5.26 -8.93 -9.12
N VAL A 24 -4.48 -8.78 -10.17
CA VAL A 24 -3.34 -9.63 -10.30
C VAL A 24 -2.31 -9.33 -9.20
N ALA A 25 -2.10 -8.08 -8.88
CA ALA A 25 -1.06 -7.80 -7.93
C ALA A 25 -1.39 -8.27 -6.50
N SER A 26 -2.68 -8.30 -6.13
CA SER A 26 -3.10 -8.76 -4.78
C SER A 26 -2.80 -10.23 -4.51
N GLU A 27 -3.04 -11.09 -5.50
CA GLU A 27 -2.75 -12.52 -5.36
C GLU A 27 -1.22 -12.75 -5.40
N VAL A 28 -0.53 -12.07 -6.28
CA VAL A 28 0.90 -12.22 -6.31
C VAL A 28 1.51 -11.74 -4.97
N ALA A 29 0.78 -10.91 -4.24
CA ALA A 29 1.31 -10.40 -3.00
C ALA A 29 0.95 -11.35 -1.90
N HIS A 30 -0.26 -11.82 -1.99
CA HIS A 30 -0.73 -12.82 -1.08
C HIS A 30 0.20 -14.01 -1.17
N GLN A 31 0.22 -14.63 -2.33
CA GLN A 31 0.97 -15.86 -2.50
C GLN A 31 2.47 -15.76 -2.31
N LEU A 32 3.05 -14.60 -2.59
CA LEU A 32 4.51 -14.51 -2.51
C LEU A 32 4.86 -13.99 -1.16
N HIS A 33 3.85 -13.67 -0.39
CA HIS A 33 4.11 -13.08 0.91
C HIS A 33 5.06 -11.90 0.77
N ALA A 34 4.69 -10.94 -0.08
CA ALA A 34 5.54 -9.77 -0.29
C ALA A 34 4.73 -8.52 -0.29
N ALA A 35 5.43 -7.40 -0.33
CA ALA A 35 4.83 -6.11 -0.17
C ALA A 35 4.13 -5.64 -1.42
N PHE A 36 2.98 -5.04 -1.19
CA PHE A 36 2.19 -4.55 -2.25
C PHE A 36 1.71 -3.17 -1.94
N LEU A 37 2.03 -2.19 -2.80
CA LEU A 37 1.52 -0.84 -2.70
C LEU A 37 0.74 -0.54 -4.00
N ASP A 38 -0.52 -0.14 -3.84
CA ASP A 38 -1.26 0.29 -4.98
C ASP A 38 -1.00 1.77 -5.12
N GLY A 39 -0.53 2.21 -6.28
CA GLY A 39 -0.14 3.60 -6.50
C GLY A 39 -1.25 4.63 -6.64
N ASP A 40 -2.50 4.23 -6.65
CA ASP A 40 -3.51 5.26 -6.71
C ASP A 40 -3.39 6.14 -5.45
N PHE A 41 -3.14 5.47 -4.34
CA PHE A 41 -3.12 6.06 -3.00
C PHE A 41 -2.07 7.08 -2.68
N LEU A 42 -1.19 7.36 -3.64
CA LEU A 42 -0.16 8.32 -3.36
C LEU A 42 -0.34 9.66 -4.08
N HIS A 43 -1.58 9.94 -4.49
CA HIS A 43 -1.88 11.17 -5.19
C HIS A 43 -2.00 12.29 -4.21
N PRO A 44 -1.32 13.40 -4.47
CA PRO A 44 -1.40 14.56 -3.60
C PRO A 44 -2.83 15.08 -3.41
N ARG A 45 -3.18 15.41 -2.17
CA ARG A 45 -4.49 15.97 -1.84
C ARG A 45 -5.06 16.85 -2.98
N ARG A 46 -4.19 17.52 -3.71
CA ARG A 46 -4.58 18.36 -4.82
C ARG A 46 -5.22 17.49 -5.89
N ASN A 47 -4.55 16.39 -6.24
CA ASN A 47 -5.04 15.50 -7.30
C ASN A 47 -6.39 14.91 -6.92
N ILE A 48 -6.56 14.48 -5.70
CA ILE A 48 -7.82 13.91 -5.35
C ILE A 48 -8.94 14.89 -5.65
N GLU A 49 -8.69 16.16 -5.41
CA GLU A 49 -9.70 17.20 -5.62
C GLU A 49 -9.86 17.49 -7.13
N LYS A 50 -8.78 17.58 -7.87
CA LYS A 50 -8.93 17.82 -9.29
C LYS A 50 -9.68 16.70 -9.94
N MET A 51 -9.46 15.48 -9.47
CA MET A 51 -10.13 14.34 -10.05
C MET A 51 -11.59 14.40 -9.65
N ALA A 52 -11.84 14.86 -8.43
CA ALA A 52 -13.18 14.86 -7.85
C ALA A 52 -14.10 15.88 -8.54
N SER A 53 -13.54 17.06 -8.74
CA SER A 53 -14.21 18.13 -9.39
C SER A 53 -14.52 17.66 -10.78
N GLY A 54 -13.89 16.56 -11.17
CA GLY A 54 -14.11 16.01 -12.49
C GLY A 54 -13.01 16.33 -13.49
N GLU A 55 -12.13 17.27 -13.19
CA GLU A 55 -11.08 17.57 -14.15
C GLU A 55 -10.08 16.42 -14.21
N PRO A 56 -9.69 16.02 -15.42
CA PRO A 56 -8.61 15.05 -15.63
C PRO A 56 -7.32 15.53 -15.01
N LEU A 57 -6.29 14.67 -14.94
CA LEU A 57 -5.00 15.14 -14.44
C LEU A 57 -4.18 15.38 -15.65
N ASN A 58 -3.27 16.35 -15.67
CA ASN A 58 -2.38 16.44 -16.84
C ASN A 58 -1.05 15.90 -16.41
N ASP A 59 -0.06 15.95 -17.28
CA ASP A 59 1.27 15.42 -16.96
C ASP A 59 2.00 16.27 -15.96
N ASP A 60 1.51 17.48 -15.72
CA ASP A 60 2.17 18.24 -14.67
C ASP A 60 1.72 17.67 -13.31
N ASP A 61 0.45 17.42 -13.07
CA ASP A 61 -0.04 16.92 -11.76
C ASP A 61 0.47 15.54 -11.31
N ARG A 62 1.07 14.81 -12.26
CA ARG A 62 1.62 13.47 -12.06
C ARG A 62 3.08 13.54 -11.72
N LYS A 63 3.62 14.73 -11.92
CA LYS A 63 5.02 14.93 -11.64
C LYS A 63 5.19 14.55 -10.18
N PRO A 64 4.52 15.28 -9.30
CA PRO A 64 4.66 15.14 -7.86
C PRO A 64 4.23 13.79 -7.32
N TRP A 65 3.37 13.12 -8.06
CA TRP A 65 2.80 11.87 -7.65
C TRP A 65 3.76 10.75 -7.94
N LEU A 66 4.34 10.78 -9.13
CA LEU A 66 5.28 9.76 -9.51
C LEU A 66 6.57 9.88 -8.72
N GLN A 67 6.90 11.08 -8.27
CA GLN A 67 8.07 11.26 -7.45
C GLN A 67 7.82 10.67 -6.05
N ALA A 68 6.59 10.80 -5.57
CA ALA A 68 6.20 10.23 -4.30
C ALA A 68 6.28 8.74 -4.41
N LEU A 69 5.88 8.20 -5.56
CA LEU A 69 5.93 6.77 -5.78
C LEU A 69 7.32 6.27 -5.88
N ASN A 70 8.13 6.93 -6.70
CA ASN A 70 9.56 6.64 -6.77
C ASN A 70 10.08 6.60 -5.37
N ASP A 71 9.64 7.57 -4.60
CA ASP A 71 10.08 7.61 -3.22
C ASP A 71 9.63 6.30 -2.57
N ALA A 72 8.35 6.01 -2.60
CA ALA A 72 7.78 4.79 -2.04
C ALA A 72 8.46 3.53 -2.50
N ALA A 73 8.99 3.56 -3.70
CA ALA A 73 9.68 2.40 -4.19
C ALA A 73 10.91 2.22 -3.34
N PHE A 74 11.63 3.32 -3.10
CA PHE A 74 12.84 3.37 -2.32
C PHE A 74 12.73 2.71 -0.91
N ALA A 75 11.71 3.16 -0.22
CA ALA A 75 11.20 2.67 1.02
C ALA A 75 10.82 1.18 1.06
N MET A 76 10.14 0.63 0.07
CA MET A 76 9.75 -0.79 0.15
C MET A 76 10.92 -1.79 0.02
N GLN A 77 11.97 -1.40 -0.70
CA GLN A 77 13.05 -2.33 -1.04
C GLN A 77 14.18 -2.26 -0.03
N ARG A 78 13.91 -1.59 1.07
CA ARG A 78 14.88 -1.48 2.14
C ARG A 78 14.72 -2.69 3.02
N THR A 79 13.47 -3.11 3.11
CA THR A 79 12.99 -4.13 3.99
C THR A 79 12.26 -5.34 3.37
N ASN A 80 12.33 -5.50 2.07
CA ASN A 80 11.63 -6.58 1.32
C ASN A 80 12.41 -6.90 0.07
N LYS A 81 12.43 -8.17 -0.33
CA LYS A 81 13.15 -8.54 -1.54
C LYS A 81 12.30 -8.41 -2.81
N VAL A 82 10.99 -8.26 -2.65
CA VAL A 82 10.09 -8.27 -3.77
C VAL A 82 8.99 -7.27 -3.45
N SER A 83 9.07 -6.12 -4.10
CA SER A 83 8.03 -5.09 -3.99
C SER A 83 7.21 -4.88 -5.30
N LEU A 84 5.90 -4.94 -5.17
CA LEU A 84 5.04 -4.82 -6.34
C LEU A 84 4.32 -3.53 -6.18
N ILE A 85 4.33 -2.66 -7.19
CA ILE A 85 3.66 -1.36 -7.10
C ILE A 85 2.77 -1.26 -8.31
N VAL A 86 1.47 -1.17 -8.08
CA VAL A 86 0.49 -0.99 -9.16
C VAL A 86 0.45 0.45 -9.59
N CYS A 87 0.60 0.61 -10.91
CA CYS A 87 0.61 1.91 -11.50
C CYS A 87 0.83 1.56 -12.89
N SER A 88 -0.20 1.97 -13.62
CA SER A 88 -0.43 1.93 -15.06
C SER A 88 0.80 2.19 -15.88
N ALA A 89 1.46 3.31 -15.59
CA ALA A 89 2.77 3.62 -16.19
C ALA A 89 2.74 3.74 -17.72
N LEU A 90 1.69 4.36 -18.23
CA LEU A 90 1.46 4.45 -19.68
C LEU A 90 2.54 5.08 -20.59
N LYS A 91 3.00 6.25 -20.26
CA LYS A 91 3.99 6.96 -21.02
C LYS A 91 5.44 6.56 -20.63
N LYS A 92 6.33 6.48 -21.58
CA LYS A 92 7.74 6.16 -21.29
C LYS A 92 8.36 7.05 -20.21
N HIS A 93 7.99 8.32 -20.22
CA HIS A 93 8.43 9.33 -19.30
C HIS A 93 8.05 8.92 -17.86
N TYR A 94 6.80 8.55 -17.63
CA TYR A 94 6.42 8.06 -16.30
C TYR A 94 7.30 6.90 -15.84
N ARG A 95 7.81 6.15 -16.81
CA ARG A 95 8.62 4.98 -16.53
C ARG A 95 10.02 5.38 -16.15
N ASP A 96 10.54 6.33 -16.90
CA ASP A 96 11.79 6.94 -16.54
C ASP A 96 11.79 7.56 -15.16
N LEU A 97 10.69 8.17 -14.74
CA LEU A 97 10.66 8.85 -13.43
C LEU A 97 10.68 7.87 -12.23
N LEU A 98 10.04 6.71 -12.40
CA LEU A 98 10.08 5.69 -11.38
C LEU A 98 11.45 5.01 -11.37
N ARG A 99 12.13 5.04 -12.50
CA ARG A 99 13.42 4.40 -12.65
C ARG A 99 14.49 5.16 -11.89
N GLU A 100 14.35 6.46 -11.88
CA GLU A 100 15.33 7.34 -11.29
C GLU A 100 15.53 7.13 -9.80
N GLY A 101 16.73 6.68 -9.49
CA GLY A 101 17.09 6.45 -8.13
C GLY A 101 16.94 4.97 -7.90
N ASN A 102 15.97 4.31 -8.55
CA ASN A 102 15.69 2.89 -8.33
C ASN A 102 16.21 1.90 -9.35
N PRO A 103 17.54 1.71 -9.40
CA PRO A 103 18.19 0.84 -10.41
C PRO A 103 17.67 -0.52 -10.20
N ASN A 104 17.22 -0.77 -8.99
CA ASN A 104 16.70 -2.05 -8.64
C ASN A 104 15.17 -2.11 -8.81
N LEU A 105 14.67 -1.52 -9.90
CA LEU A 105 13.24 -1.57 -10.24
C LEU A 105 12.94 -2.05 -11.66
N SER A 106 11.76 -2.67 -11.77
CA SER A 106 11.31 -3.16 -13.03
C SER A 106 9.81 -3.17 -13.23
N PHE A 107 9.41 -3.48 -14.46
CA PHE A 107 8.01 -3.38 -14.85
C PHE A 107 7.55 -4.71 -15.28
N ILE A 108 6.29 -5.01 -15.09
CA ILE A 108 5.69 -6.23 -15.57
C ILE A 108 4.47 -5.74 -16.34
N TYR A 109 4.48 -5.84 -17.66
CA TYR A 109 3.41 -5.30 -18.47
C TYR A 109 2.31 -6.29 -18.71
N LEU A 110 1.22 -6.05 -18.01
CA LEU A 110 -0.01 -6.73 -18.23
C LEU A 110 -0.55 -6.33 -19.59
N LYS A 111 -0.05 -6.98 -20.64
CA LYS A 111 -0.32 -6.68 -22.04
C LYS A 111 -1.45 -7.45 -22.69
N GLY A 112 -2.36 -6.70 -23.30
CA GLY A 112 -3.48 -7.29 -23.97
C GLY A 112 -3.89 -6.38 -25.10
N ASP A 113 -4.83 -6.81 -25.90
CA ASP A 113 -5.31 -5.87 -26.89
C ASP A 113 -6.69 -5.42 -26.51
N PHE A 114 -7.19 -4.48 -27.29
CA PHE A 114 -8.44 -3.81 -27.02
C PHE A 114 -9.65 -4.73 -26.91
N ASP A 115 -9.82 -5.63 -27.87
CA ASP A 115 -10.94 -6.57 -27.78
C ASP A 115 -11.04 -7.27 -26.44
N VAL A 116 -9.91 -7.68 -25.88
CA VAL A 116 -9.90 -8.41 -24.63
C VAL A 116 -10.22 -7.56 -23.40
N ILE A 117 -9.47 -6.47 -23.20
CA ILE A 117 -9.70 -5.63 -22.01
C ILE A 117 -11.15 -5.11 -21.92
N GLU A 118 -11.80 -4.90 -23.07
CA GLU A 118 -13.15 -4.36 -23.10
C GLU A 118 -14.21 -5.36 -22.63
N SER A 119 -14.12 -6.59 -23.10
CA SER A 119 -15.10 -7.56 -22.66
C SER A 119 -14.99 -7.67 -21.16
N ARG A 120 -13.75 -7.56 -20.69
CA ARG A 120 -13.51 -7.62 -19.25
C ARG A 120 -14.12 -6.46 -18.44
N LEU A 121 -13.81 -5.22 -18.80
CA LEU A 121 -14.42 -4.14 -18.07
C LEU A 121 -15.93 -4.24 -18.14
N LYS A 122 -16.48 -4.72 -19.26
CA LYS A 122 -17.95 -4.85 -19.34
C LYS A 122 -18.44 -6.02 -18.48
N ALA A 123 -17.56 -6.96 -18.18
CA ALA A 123 -17.95 -8.14 -17.41
C ALA A 123 -18.57 -7.88 -16.05
N ARG A 124 -18.23 -6.78 -15.37
CA ARG A 124 -18.90 -6.55 -14.07
C ARG A 124 -20.30 -5.91 -14.20
N LYS A 125 -21.23 -6.43 -13.40
CA LYS A 125 -22.60 -5.97 -13.38
C LYS A 125 -22.68 -4.55 -12.95
N GLY A 126 -23.74 -3.87 -13.37
CA GLY A 126 -23.95 -2.51 -12.93
C GLY A 126 -22.87 -1.57 -13.36
N HIS A 127 -21.89 -2.07 -14.11
CA HIS A 127 -20.92 -1.12 -14.58
C HIS A 127 -21.25 -0.54 -15.95
N PHE A 128 -21.41 0.77 -16.04
CA PHE A 128 -21.74 1.35 -17.35
C PHE A 128 -20.47 1.71 -18.07
N PHE A 129 -20.05 0.83 -18.97
CA PHE A 129 -18.82 0.97 -19.76
C PHE A 129 -18.80 2.01 -20.87
N LYS A 130 -17.85 2.94 -20.80
CA LYS A 130 -17.62 4.00 -21.80
C LYS A 130 -16.44 3.69 -22.71
N THR A 131 -16.69 3.68 -24.01
CA THR A 131 -15.68 3.30 -24.97
C THR A 131 -14.48 4.23 -25.06
N GLN A 132 -14.74 5.53 -25.10
CA GLN A 132 -13.66 6.50 -25.28
C GLN A 132 -12.66 6.31 -24.19
N MET A 133 -13.15 5.99 -23.00
CA MET A 133 -12.29 5.86 -21.84
C MET A 133 -11.15 4.86 -22.01
N LEU A 134 -11.35 3.81 -22.82
CA LEU A 134 -10.35 2.78 -23.05
C LEU A 134 -9.52 2.98 -24.33
N VAL A 135 -10.15 3.66 -25.29
CA VAL A 135 -9.49 4.06 -26.54
C VAL A 135 -8.36 5.01 -26.13
N THR A 136 -8.76 6.00 -25.33
CA THR A 136 -7.89 7.03 -24.81
C THR A 136 -6.76 6.35 -24.11
N GLN A 137 -7.12 5.37 -23.30
CA GLN A 137 -6.18 4.56 -22.57
C GLN A 137 -5.13 4.08 -23.52
N PHE A 138 -5.56 3.26 -24.49
CA PHE A 138 -4.68 2.85 -25.60
C PHE A 138 -4.06 3.99 -26.39
N GLU A 139 -4.76 5.12 -26.48
CA GLU A 139 -4.22 6.30 -27.14
C GLU A 139 -3.08 6.78 -26.34
N THR A 140 -3.27 6.79 -25.04
CA THR A 140 -2.20 7.21 -24.16
C THR A 140 -1.04 6.22 -24.09
N LEU A 141 -1.35 4.94 -24.03
CA LEU A 141 -0.35 3.93 -23.89
C LEU A 141 0.84 4.11 -24.80
N GLN A 142 2.03 4.00 -24.23
CA GLN A 142 3.27 4.03 -25.01
C GLN A 142 4.01 2.71 -24.81
N GLU A 143 3.51 1.63 -25.41
CA GLU A 143 4.11 0.32 -25.25
C GLU A 143 5.59 0.32 -24.98
N PRO A 144 6.00 -0.15 -23.81
CA PRO A 144 7.39 -0.46 -23.58
C PRO A 144 8.04 -1.23 -24.69
N GLY A 145 8.87 -0.53 -25.47
CA GLY A 145 9.63 -1.08 -26.59
C GLY A 145 10.82 -1.91 -26.16
N ALA A 146 11.51 -2.49 -27.14
CA ALA A 146 12.57 -3.43 -26.82
C ALA A 146 13.78 -2.77 -26.19
N ASP A 147 13.89 -1.46 -26.33
CA ASP A 147 15.00 -0.75 -25.74
C ASP A 147 14.80 -0.57 -24.24
N GLU A 148 13.59 -0.80 -23.73
CA GLU A 148 13.34 -0.67 -22.29
C GLU A 148 13.52 -2.05 -21.67
N THR A 149 14.76 -2.39 -21.35
CA THR A 149 15.12 -3.73 -20.93
C THR A 149 14.85 -4.19 -19.49
N ASP A 150 14.07 -3.46 -18.72
CA ASP A 150 13.69 -3.92 -17.39
C ASP A 150 12.17 -4.15 -17.44
N VAL A 151 11.64 -4.23 -18.64
CA VAL A 151 10.24 -4.49 -18.78
C VAL A 151 10.00 -5.94 -19.17
N LEU A 152 9.25 -6.63 -18.34
CA LEU A 152 8.82 -7.94 -18.62
C LEU A 152 7.38 -7.78 -18.97
N VAL A 153 6.85 -8.81 -19.61
CA VAL A 153 5.54 -8.74 -20.16
C VAL A 153 4.78 -9.99 -19.84
N VAL A 154 3.52 -9.85 -19.51
CA VAL A 154 2.72 -10.99 -19.20
C VAL A 154 1.49 -10.90 -20.06
N ASP A 155 1.16 -12.02 -20.69
CA ASP A 155 0.04 -12.06 -21.61
C ASP A 155 -1.19 -12.20 -20.84
N ILE A 156 -2.15 -11.30 -21.02
CA ILE A 156 -3.36 -11.40 -20.22
C ILE A 156 -4.47 -12.23 -20.87
N ASP A 157 -4.43 -12.45 -22.17
CA ASP A 157 -5.47 -13.25 -22.80
C ASP A 157 -5.35 -14.67 -22.33
N GLN A 158 -5.71 -14.86 -21.06
CA GLN A 158 -5.44 -16.07 -20.28
C GLN A 158 -6.34 -15.81 -19.07
N PRO A 159 -6.94 -16.81 -18.40
CA PRO A 159 -7.77 -16.53 -17.21
C PRO A 159 -7.00 -16.01 -16.00
N LEU A 160 -7.69 -15.26 -15.14
CA LEU A 160 -7.02 -14.70 -13.96
C LEU A 160 -5.85 -15.52 -13.38
N GLU A 161 -6.03 -16.82 -13.16
CA GLU A 161 -4.98 -17.62 -12.51
C GLU A 161 -3.69 -17.88 -13.29
N GLY A 162 -3.71 -17.82 -14.62
CA GLY A 162 -2.52 -18.06 -15.41
C GLY A 162 -1.72 -16.78 -15.52
N VAL A 163 -2.41 -15.67 -15.28
CA VAL A 163 -1.86 -14.32 -15.33
C VAL A 163 -1.18 -14.12 -13.99
N VAL A 164 -1.79 -14.67 -12.94
CA VAL A 164 -1.18 -14.67 -11.65
C VAL A 164 0.01 -15.57 -11.73
N ALA A 165 -0.18 -16.75 -12.32
CA ALA A 165 0.90 -17.72 -12.40
C ALA A 165 2.03 -17.22 -13.29
N SER A 166 1.69 -16.62 -14.45
CA SER A 166 2.69 -16.09 -15.38
C SER A 166 3.40 -14.89 -14.74
N THR A 167 2.64 -14.01 -14.11
CA THR A 167 3.25 -12.88 -13.40
C THR A 167 4.28 -13.41 -12.41
N ILE A 168 3.92 -14.44 -11.67
CA ILE A 168 4.85 -15.01 -10.69
C ILE A 168 6.10 -15.56 -11.39
N GLU A 169 5.89 -16.18 -12.54
CA GLU A 169 7.03 -16.67 -13.31
C GLU A 169 7.95 -15.52 -13.72
N VAL A 170 7.41 -14.52 -14.38
CA VAL A 170 8.30 -13.45 -14.77
C VAL A 170 9.00 -12.94 -13.53
N ILE A 171 8.36 -13.07 -12.38
CA ILE A 171 8.98 -12.58 -11.16
C ILE A 171 10.13 -13.47 -10.69
N LYS A 172 9.91 -14.79 -10.71
CA LYS A 172 10.94 -15.73 -10.30
C LYS A 172 11.95 -16.06 -11.42
N LYS A 173 11.51 -15.93 -12.66
CA LYS A 173 12.37 -16.08 -13.86
C LYS A 173 13.76 -15.53 -13.71
N THR B 3 -15.38 16.65 -0.72
CA THR B 3 -14.45 15.52 -1.10
C THR B 3 -14.34 14.33 -0.15
N THR B 4 -14.91 14.41 1.05
CA THR B 4 -14.85 13.29 1.99
C THR B 4 -16.07 12.40 2.04
N ASN B 5 -16.02 11.23 1.41
CA ASN B 5 -17.13 10.32 1.39
C ASN B 5 -17.43 9.73 2.75
N HIS B 6 -18.25 10.39 3.55
CA HIS B 6 -18.52 9.87 4.87
C HIS B 6 -19.24 8.52 4.75
N ASP B 7 -18.99 7.79 3.70
CA ASP B 7 -19.79 6.64 3.43
C ASP B 7 -18.90 5.48 3.44
N HIS B 8 -17.63 5.84 3.33
CA HIS B 8 -16.53 4.91 3.26
C HIS B 8 -15.74 5.09 4.56
N HIS B 9 -14.97 4.08 4.97
CA HIS B 9 -14.20 4.22 6.21
C HIS B 9 -12.77 3.79 6.06
N ILE B 10 -11.92 4.36 6.89
CA ILE B 10 -10.50 4.01 6.91
C ILE B 10 -10.11 3.47 8.30
N TYR B 11 -9.45 2.33 8.32
CA TYR B 11 -9.07 1.73 9.59
C TYR B 11 -7.57 1.68 9.75
N VAL B 12 -7.08 2.16 10.90
CA VAL B 12 -5.64 2.19 11.20
C VAL B 12 -5.24 1.21 12.30
N LEU B 13 -4.64 0.10 11.91
CA LEU B 13 -4.14 -0.88 12.85
C LEU B 13 -2.95 -0.31 13.56
N MET B 14 -3.01 -0.35 14.90
CA MET B 14 -2.02 0.26 15.76
C MET B 14 -1.61 -0.64 16.94
N GLY B 15 -0.53 -0.27 17.58
CA GLY B 15 0.00 -1.10 18.65
C GLY B 15 1.46 -1.34 18.33
N VAL B 16 2.25 -1.63 19.37
CA VAL B 16 3.67 -1.69 19.27
C VAL B 16 4.16 -2.59 18.18
N SER B 17 5.48 -2.62 18.06
CA SER B 17 6.07 -3.58 17.17
C SER B 17 5.96 -4.97 17.80
N GLY B 18 5.20 -5.88 17.16
CA GLY B 18 5.04 -7.27 17.62
C GLY B 18 3.60 -7.60 17.97
N SER B 19 2.77 -6.58 18.04
CA SER B 19 1.37 -6.77 18.35
C SER B 19 0.58 -7.55 17.29
N GLY B 20 0.93 -7.36 16.01
CA GLY B 20 0.28 -8.08 14.94
C GLY B 20 -0.15 -7.27 13.73
N LYS B 21 0.13 -6.00 13.73
CA LYS B 21 -0.43 -5.11 12.75
C LYS B 21 -0.41 -5.63 11.35
N SER B 22 0.81 -5.83 10.85
CA SER B 22 1.02 -6.34 9.51
C SER B 22 0.36 -7.71 9.23
N ALA B 23 0.68 -8.71 10.04
CA ALA B 23 0.20 -10.06 9.81
C ALA B 23 -1.30 -10.19 9.82
N VAL B 24 -2.00 -9.38 10.62
CA VAL B 24 -3.47 -9.44 10.69
C VAL B 24 -4.09 -8.55 9.59
N ALA B 25 -3.50 -7.38 9.36
CA ALA B 25 -3.99 -6.45 8.36
C ALA B 25 -4.01 -7.07 6.98
N SER B 26 -2.92 -7.78 6.64
CA SER B 26 -2.81 -8.48 5.36
C SER B 26 -4.02 -9.37 5.15
N GLU B 27 -4.21 -10.25 6.12
CA GLU B 27 -5.29 -11.21 6.14
C GLU B 27 -6.67 -10.53 6.09
N VAL B 28 -6.87 -9.41 6.76
CA VAL B 28 -8.21 -8.79 6.79
C VAL B 28 -8.58 -8.19 5.45
N ALA B 29 -7.60 -7.57 4.81
CA ALA B 29 -7.84 -6.91 3.55
C ALA B 29 -8.09 -7.98 2.55
N HIS B 30 -7.32 -9.04 2.67
CA HIS B 30 -7.54 -10.14 1.77
C HIS B 30 -8.96 -10.67 1.97
N GLN B 31 -9.41 -10.73 3.22
CA GLN B 31 -10.72 -11.29 3.49
C GLN B 31 -11.92 -10.39 3.12
N LEU B 32 -11.91 -9.11 3.48
CA LEU B 32 -13.02 -8.24 3.12
C LEU B 32 -12.78 -7.72 1.73
N HIS B 33 -11.68 -8.14 1.10
CA HIS B 33 -11.29 -7.64 -0.21
C HIS B 33 -11.07 -6.14 -0.21
N ALA B 34 -10.23 -5.62 0.67
CA ALA B 34 -10.15 -4.15 0.73
C ALA B 34 -8.77 -3.46 0.61
N ALA B 35 -8.83 -2.14 0.48
CA ALA B 35 -7.65 -1.32 0.33
C ALA B 35 -6.80 -1.42 1.57
N PHE B 36 -5.57 -1.80 1.37
CA PHE B 36 -4.66 -1.94 2.50
C PHE B 36 -3.38 -1.27 2.12
N LEU B 37 -2.79 -0.55 3.05
CA LEU B 37 -1.56 0.20 2.82
C LEU B 37 -0.70 0.06 4.04
N ASP B 38 0.54 -0.37 3.87
CA ASP B 38 1.41 -0.31 5.01
C ASP B 38 2.07 1.05 5.05
N GLY B 39 1.97 1.73 6.18
CA GLY B 39 2.55 3.06 6.29
C GLY B 39 4.08 3.12 6.39
N ASP B 40 4.73 2.00 6.55
CA ASP B 40 6.17 2.10 6.67
C ASP B 40 6.61 2.61 5.29
N PHE B 41 5.71 2.50 4.30
CA PHE B 41 6.11 2.79 2.93
C PHE B 41 6.10 4.23 2.47
N LEU B 42 5.64 5.15 3.34
CA LEU B 42 5.53 6.54 3.01
C LEU B 42 6.49 7.54 3.69
N HIS B 43 7.67 7.09 4.13
CA HIS B 43 8.57 8.04 4.73
C HIS B 43 9.31 8.74 3.64
N PRO B 44 9.61 10.01 3.80
CA PRO B 44 10.40 10.73 2.82
C PRO B 44 11.82 10.18 2.67
N ARG B 45 12.32 10.28 1.47
CA ARG B 45 13.67 9.83 1.16
C ARG B 45 14.68 10.13 2.33
N ARG B 46 14.49 11.27 2.98
CA ARG B 46 15.33 11.70 4.09
C ARG B 46 15.25 10.71 5.24
N ASN B 47 14.03 10.35 5.65
CA ASN B 47 13.84 9.34 6.67
C ASN B 47 14.50 7.95 6.35
N ILE B 48 14.43 7.48 5.13
CA ILE B 48 14.98 6.17 4.80
C ILE B 48 16.44 6.11 4.95
N GLU B 49 17.12 7.20 4.61
CA GLU B 49 18.56 7.21 4.74
C GLU B 49 18.98 7.25 6.23
N LYS B 50 18.25 8.01 7.06
CA LYS B 50 18.52 8.17 8.50
C LYS B 50 18.31 6.85 9.18
N MET B 51 17.18 6.19 8.96
CA MET B 51 17.08 4.84 9.51
C MET B 51 18.13 3.94 8.91
N ALA B 52 18.44 4.05 7.62
CA ALA B 52 19.52 3.19 7.11
C ALA B 52 20.89 3.52 7.75
N SER B 53 21.09 4.73 8.17
CA SER B 53 22.39 5.08 8.66
C SER B 53 22.46 4.66 10.12
N GLY B 54 21.58 3.71 10.48
CA GLY B 54 21.44 3.21 11.83
C GLY B 54 20.79 4.10 12.88
N GLU B 55 20.06 5.14 12.48
CA GLU B 55 19.54 6.05 13.51
C GLU B 55 18.05 6.12 13.57
N PRO B 56 17.59 6.41 14.77
CA PRO B 56 16.22 6.71 15.09
C PRO B 56 15.72 8.06 14.67
N LEU B 57 14.65 8.01 13.88
CA LEU B 57 13.90 9.15 13.44
C LEU B 57 13.44 9.72 14.69
N ASN B 58 13.21 11.04 14.71
CA ASN B 58 12.64 11.75 15.83
C ASN B 58 11.22 12.28 15.49
N ASP B 59 10.54 12.94 16.40
CA ASP B 59 9.19 13.29 16.08
C ASP B 59 9.04 14.27 14.93
N ASP B 60 10.04 15.12 14.68
CA ASP B 60 9.92 16.08 13.60
C ASP B 60 9.92 15.27 12.33
N ASP B 61 10.73 14.22 12.26
CA ASP B 61 10.83 13.38 11.07
C ASP B 61 9.51 12.70 10.71
N ARG B 62 8.67 12.52 11.74
CA ARG B 62 7.38 11.86 11.63
C ARG B 62 6.29 12.81 11.21
N LYS B 63 6.62 14.08 11.21
CA LYS B 63 5.64 15.05 10.84
C LYS B 63 5.25 14.83 9.40
N PRO B 64 6.23 14.89 8.52
CA PRO B 64 5.95 14.85 7.09
C PRO B 64 5.43 13.50 6.68
N TRP B 65 5.75 12.50 7.48
CA TRP B 65 5.40 11.12 7.17
C TRP B 65 3.92 10.96 7.44
N LEU B 66 3.50 11.37 8.61
CA LEU B 66 2.13 11.18 9.01
C LEU B 66 1.17 12.03 8.17
N GLN B 67 1.66 13.12 7.63
CA GLN B 67 0.86 13.98 6.80
C GLN B 67 0.74 13.25 5.48
N ALA B 68 1.79 12.58 5.05
CA ALA B 68 1.72 11.81 3.81
C ALA B 68 0.72 10.69 3.90
N LEU B 69 0.67 10.08 5.08
CA LEU B 69 -0.21 8.97 5.38
C LEU B 69 -1.64 9.40 5.45
N ASN B 70 -1.81 10.61 5.98
CA ASN B 70 -3.10 11.23 6.13
C ASN B 70 -3.55 11.55 4.73
N ASP B 71 -2.61 11.83 3.86
CA ASP B 71 -3.00 12.19 2.52
C ASP B 71 -3.46 10.90 1.89
N ALA B 72 -2.76 9.82 2.21
CA ALA B 72 -2.97 8.55 1.62
C ALA B 72 -4.24 7.95 2.09
N ALA B 73 -4.68 8.39 3.27
CA ALA B 73 -5.94 7.96 3.86
C ALA B 73 -7.02 8.55 2.99
N PHE B 74 -6.82 9.82 2.66
CA PHE B 74 -7.69 10.60 1.85
C PHE B 74 -7.90 9.94 0.48
N ALA B 75 -6.80 9.58 -0.15
CA ALA B 75 -6.88 8.89 -1.42
C ALA B 75 -7.61 7.52 -1.35
N MET B 76 -7.28 6.65 -0.40
CA MET B 76 -7.96 5.34 -0.39
C MET B 76 -9.48 5.41 -0.29
N GLN B 77 -10.01 6.39 0.45
CA GLN B 77 -11.43 6.37 0.76
C GLN B 77 -12.27 7.12 -0.24
N ARG B 78 -11.73 7.26 -1.46
CA ARG B 78 -12.41 7.92 -2.57
C ARG B 78 -12.98 6.80 -3.38
N THR B 79 -12.37 5.64 -3.25
CA THR B 79 -12.68 4.53 -4.12
C THR B 79 -12.87 3.18 -3.42
N ASN B 80 -12.87 3.16 -2.09
CA ASN B 80 -13.02 1.94 -1.31
C ASN B 80 -13.83 2.24 -0.07
N LYS B 81 -14.66 1.30 0.40
CA LYS B 81 -15.45 1.61 1.60
C LYS B 81 -14.71 1.20 2.86
N VAL B 82 -13.67 0.40 2.68
CA VAL B 82 -12.97 -0.15 3.78
C VAL B 82 -11.47 -0.11 3.44
N SER B 83 -10.73 0.71 4.16
CA SER B 83 -9.30 0.87 3.90
C SER B 83 -8.49 0.61 5.16
N LEU B 84 -7.51 -0.26 5.08
CA LEU B 84 -6.68 -0.48 6.27
C LEU B 84 -5.29 0.07 6.12
N ILE B 85 -4.85 0.83 7.10
CA ILE B 85 -3.47 1.33 7.02
C ILE B 85 -2.74 0.86 8.25
N VAL B 86 -1.63 0.16 8.09
CA VAL B 86 -0.81 -0.18 9.27
C VAL B 86 0.06 1.02 9.72
N CYS B 87 -0.07 1.38 11.00
CA CYS B 87 0.73 2.44 11.58
C CYS B 87 0.62 2.30 13.04
N SER B 88 1.69 1.86 13.69
CA SER B 88 1.69 1.64 15.13
C SER B 88 1.19 2.83 15.88
N ALA B 89 1.36 4.00 15.28
CA ALA B 89 0.94 5.28 15.90
C ALA B 89 0.83 5.22 17.43
N LEU B 90 1.93 5.11 18.17
CA LEU B 90 1.93 4.99 19.64
C LEU B 90 1.51 6.21 20.46
N LYS B 91 1.95 7.37 19.99
CA LYS B 91 1.68 8.67 20.63
C LYS B 91 0.37 9.33 20.13
N LYS B 92 -0.43 9.78 21.08
CA LYS B 92 -1.71 10.42 20.78
C LYS B 92 -1.60 11.65 19.86
N HIS B 93 -0.42 12.20 19.59
CA HIS B 93 -0.34 13.34 18.67
C HIS B 93 -0.23 12.85 17.21
N TYR B 94 0.39 11.70 17.04
CA TYR B 94 0.44 11.11 15.70
C TYR B 94 -0.99 10.82 15.22
N ARG B 95 -1.80 10.38 16.16
CA ARG B 95 -3.18 9.99 15.94
C ARG B 95 -4.04 11.14 15.48
N ASP B 96 -3.69 12.33 15.96
CA ASP B 96 -4.37 13.55 15.64
C ASP B 96 -3.85 14.05 14.33
N LEU B 97 -2.58 13.85 14.02
CA LEU B 97 -2.10 14.13 12.67
C LEU B 97 -2.85 13.31 11.63
N LEU B 98 -3.17 12.05 11.92
CA LEU B 98 -3.86 11.24 10.94
C LEU B 98 -5.33 11.62 10.78
N ARG B 99 -5.97 11.87 11.92
CA ARG B 99 -7.37 12.21 12.16
C ARG B 99 -7.85 13.47 11.48
N GLU B 100 -6.99 14.48 11.43
CA GLU B 100 -7.33 15.78 10.88
C GLU B 100 -7.85 15.73 9.42
N GLY B 101 -9.08 16.16 9.17
CA GLY B 101 -9.58 16.17 7.80
C GLY B 101 -10.05 14.81 7.30
N ASN B 102 -10.00 13.85 8.21
CA ASN B 102 -10.44 12.48 7.97
C ASN B 102 -11.41 12.13 9.09
N PRO B 103 -12.66 12.59 8.99
CA PRO B 103 -13.67 12.41 10.05
C PRO B 103 -14.08 10.96 10.02
N ASN B 104 -13.84 10.34 8.87
CA ASN B 104 -14.15 8.95 8.64
C ASN B 104 -12.99 7.96 8.92
N LEU B 105 -11.91 8.42 9.56
CA LEU B 105 -10.82 7.53 9.91
C LEU B 105 -10.98 7.16 11.36
N SER B 106 -10.67 5.91 11.70
CA SER B 106 -10.72 5.42 13.06
C SER B 106 -9.57 4.47 13.36
N PHE B 107 -9.31 4.21 14.61
CA PHE B 107 -8.20 3.34 14.94
C PHE B 107 -8.63 2.00 15.46
N ILE B 108 -7.92 0.95 15.08
CA ILE B 108 -8.13 -0.40 15.66
C ILE B 108 -6.85 -0.78 16.35
N TYR B 109 -6.91 -0.90 17.65
CA TYR B 109 -5.77 -1.10 18.53
C TYR B 109 -5.59 -2.56 18.95
N LEU B 110 -4.52 -3.20 18.49
CA LEU B 110 -4.26 -4.59 18.78
C LEU B 110 -3.47 -4.64 20.13
N LYS B 111 -4.22 -4.77 21.22
CA LYS B 111 -3.73 -4.67 22.58
C LYS B 111 -3.16 -5.94 23.24
N GLY B 112 -1.98 -5.82 23.82
CA GLY B 112 -1.47 -6.94 24.55
C GLY B 112 -0.48 -6.45 25.57
N ASP B 113 -0.04 -7.32 26.43
CA ASP B 113 0.95 -6.85 27.38
C ASP B 113 2.27 -7.29 26.86
N PHE B 114 3.27 -7.12 27.69
CA PHE B 114 4.63 -7.31 27.29
C PHE B 114 4.94 -8.79 27.06
N ASP B 115 4.74 -9.63 28.08
CA ASP B 115 5.03 -11.07 27.98
C ASP B 115 4.39 -11.66 26.73
N VAL B 116 3.21 -11.23 26.41
CA VAL B 116 2.61 -11.82 25.23
C VAL B 116 3.35 -11.43 23.97
N ILE B 117 3.76 -10.17 23.91
CA ILE B 117 4.35 -9.69 22.66
C ILE B 117 5.78 -10.06 22.55
N GLU B 118 6.37 -10.35 23.70
CA GLU B 118 7.75 -10.72 23.74
C GLU B 118 7.78 -12.15 23.27
N SER B 119 6.87 -12.96 23.79
CA SER B 119 6.89 -14.32 23.35
C SER B 119 6.72 -14.33 21.83
N ARG B 120 5.91 -13.42 21.31
CA ARG B 120 5.65 -13.46 19.86
C ARG B 120 6.83 -13.17 18.92
N LEU B 121 7.74 -12.32 19.38
CA LEU B 121 8.86 -11.90 18.54
C LEU B 121 10.04 -12.84 18.63
N LYS B 122 10.27 -13.43 19.81
CA LYS B 122 11.32 -14.42 19.94
C LYS B 122 10.95 -15.65 19.10
N ALA B 123 9.67 -15.86 18.85
CA ALA B 123 9.27 -16.98 18.00
C ALA B 123 9.54 -16.65 16.55
N ARG B 124 10.26 -15.58 16.34
CA ARG B 124 10.65 -15.29 14.99
C ARG B 124 11.93 -16.09 14.66
N LYS B 125 11.77 -17.17 13.91
CA LYS B 125 12.86 -18.02 13.53
C LYS B 125 14.03 -17.19 13.15
N GLY B 126 15.23 -17.61 13.56
CA GLY B 126 16.45 -16.94 13.16
C GLY B 126 16.61 -15.51 13.60
N HIS B 127 15.57 -14.94 14.19
CA HIS B 127 15.59 -13.55 14.68
C HIS B 127 16.08 -13.46 16.10
N PHE B 128 17.16 -12.71 16.26
CA PHE B 128 17.73 -12.56 17.57
C PHE B 128 16.90 -11.48 18.22
N PHE B 129 16.39 -11.73 19.42
CA PHE B 129 15.49 -10.81 20.11
C PHE B 129 16.18 -9.98 21.14
N LYS B 130 16.11 -8.67 20.93
CA LYS B 130 16.65 -7.62 21.78
C LYS B 130 15.54 -6.97 22.62
N THR B 131 15.65 -7.08 23.93
CA THR B 131 14.68 -6.58 24.90
C THR B 131 14.46 -5.08 25.00
N GLN B 132 15.51 -4.29 24.78
CA GLN B 132 15.37 -2.88 24.99
C GLN B 132 14.44 -2.27 23.99
N MET B 133 14.41 -2.86 22.82
CA MET B 133 13.61 -2.35 21.72
C MET B 133 12.13 -2.36 22.06
N LEU B 134 11.70 -3.43 22.76
CA LEU B 134 10.30 -3.67 23.07
C LEU B 134 9.95 -2.89 24.30
N VAL B 135 10.91 -2.68 25.15
CA VAL B 135 10.71 -1.86 26.32
C VAL B 135 10.58 -0.41 25.86
N THR B 136 11.14 -0.05 24.72
CA THR B 136 10.99 1.34 24.32
C THR B 136 9.62 1.50 23.69
N GLN B 137 9.12 0.41 23.16
CA GLN B 137 7.85 0.44 22.54
C GLN B 137 6.81 0.61 23.59
N PHE B 138 6.95 -0.06 24.74
CA PHE B 138 5.93 0.10 25.78
C PHE B 138 5.98 1.49 26.41
N GLU B 139 7.18 2.01 26.51
CA GLU B 139 7.40 3.32 27.13
C GLU B 139 6.79 4.43 26.26
N THR B 140 7.11 4.38 24.98
CA THR B 140 6.49 5.28 24.06
C THR B 140 4.97 5.13 24.02
N LEU B 141 4.46 3.91 23.99
CA LEU B 141 3.01 3.70 23.90
C LEU B 141 2.21 4.49 24.92
N GLN B 142 1.35 5.33 24.34
CA GLN B 142 0.40 6.13 25.01
C GLN B 142 -0.86 5.56 24.52
N GLU B 143 -1.28 4.48 25.18
CA GLU B 143 -2.53 3.79 24.93
C GLU B 143 -3.61 4.87 24.81
N PRO B 144 -4.48 4.76 23.81
CA PRO B 144 -5.63 5.67 23.71
C PRO B 144 -6.58 5.46 24.86
N GLY B 145 -6.94 6.55 25.53
CA GLY B 145 -7.88 6.45 26.61
C GLY B 145 -9.32 6.28 26.15
N ALA B 146 -10.25 6.53 27.06
CA ALA B 146 -11.66 6.34 26.75
C ALA B 146 -12.11 7.54 25.96
N ASP B 147 -11.41 8.64 26.15
CA ASP B 147 -11.76 9.90 25.52
C ASP B 147 -11.44 9.83 24.05
N GLU B 148 -10.66 8.84 23.62
CA GLU B 148 -10.35 8.63 22.22
C GLU B 148 -11.43 7.69 21.73
N THR B 149 -12.52 8.29 21.30
CA THR B 149 -13.76 7.56 20.99
C THR B 149 -13.84 6.89 19.61
N ASP B 150 -12.83 7.08 18.77
CA ASP B 150 -12.80 6.40 17.46
C ASP B 150 -11.79 5.34 17.54
N VAL B 151 -11.45 4.96 18.78
CA VAL B 151 -10.56 3.84 18.95
C VAL B 151 -11.37 2.60 19.29
N LEU B 152 -11.21 1.58 18.50
CA LEU B 152 -11.83 0.29 18.75
C LEU B 152 -10.63 -0.46 19.28
N VAL B 153 -10.82 -1.66 19.83
CA VAL B 153 -9.75 -2.38 20.51
C VAL B 153 -9.85 -3.87 20.31
N VAL B 154 -8.72 -4.54 20.26
CA VAL B 154 -8.70 -5.96 20.00
C VAL B 154 -7.72 -6.71 20.88
N ASP B 155 -8.09 -7.94 21.22
CA ASP B 155 -7.32 -8.80 22.09
C ASP B 155 -6.41 -9.60 21.23
N ILE B 156 -5.12 -9.32 21.24
CA ILE B 156 -4.20 -10.11 20.44
C ILE B 156 -3.85 -11.41 21.16
N ASP B 157 -4.31 -11.53 22.41
CA ASP B 157 -3.98 -12.74 23.12
C ASP B 157 -4.89 -13.82 22.66
N GLN B 158 -4.60 -14.34 21.48
CA GLN B 158 -5.58 -15.15 20.82
C GLN B 158 -4.87 -15.55 19.56
N PRO B 159 -5.17 -16.69 18.96
CA PRO B 159 -4.45 -17.01 17.74
C PRO B 159 -4.79 -15.98 16.63
N LEU B 160 -3.76 -15.58 15.91
CA LEU B 160 -3.95 -14.68 14.77
C LEU B 160 -5.39 -14.67 14.18
N GLU B 161 -5.83 -15.86 13.78
CA GLU B 161 -7.16 -16.04 13.18
C GLU B 161 -8.28 -15.56 14.14
N GLY B 162 -8.07 -15.71 15.44
CA GLY B 162 -9.05 -15.17 16.34
C GLY B 162 -8.87 -13.68 16.27
N VAL B 163 -7.61 -13.27 16.20
CA VAL B 163 -7.29 -11.84 16.17
C VAL B 163 -7.93 -11.29 14.93
N VAL B 164 -7.71 -11.99 13.81
CA VAL B 164 -8.33 -11.64 12.54
C VAL B 164 -9.86 -11.50 12.71
N ALA B 165 -10.52 -12.59 13.08
CA ALA B 165 -11.97 -12.53 13.24
C ALA B 165 -12.46 -11.36 14.09
N SER B 166 -11.79 -11.10 15.21
CA SER B 166 -12.23 -9.98 16.07
C SER B 166 -12.07 -8.68 15.30
N THR B 167 -11.01 -8.60 14.50
CA THR B 167 -10.77 -7.39 13.77
C THR B 167 -11.90 -7.11 12.80
N ILE B 168 -12.29 -8.12 12.09
CA ILE B 168 -13.41 -8.07 11.19
C ILE B 168 -14.68 -7.63 11.92
N GLU B 169 -14.87 -8.15 13.12
CA GLU B 169 -16.08 -7.81 13.85
C GLU B 169 -16.07 -6.35 14.16
N VAL B 170 -15.02 -5.88 14.78
CA VAL B 170 -15.07 -4.49 15.15
C VAL B 170 -15.15 -3.64 13.90
N ILE B 171 -14.88 -4.24 12.74
CA ILE B 171 -14.94 -3.54 11.46
C ILE B 171 -16.39 -3.49 10.99
N LYS B 172 -17.01 -4.67 10.92
CA LYS B 172 -18.42 -4.78 10.57
C LYS B 172 -19.38 -4.34 11.71
N LYS B 173 -18.85 -4.24 12.92
CA LYS B 173 -19.70 -3.85 14.05
C LYS B 173 -20.38 -2.56 13.72
MG MG C . -6.54 -0.95 -10.09
PG ACP D . -7.82 0.26 -12.93
O1G ACP D . -6.52 0.35 -13.69
O2G ACP D . -7.47 0.49 -11.50
O3G ACP D . -8.87 1.23 -13.34
PB ACP D . -7.27 -2.61 -13.23
O1B ACP D . -6.42 -2.77 -12.00
O2B ACP D . -6.32 -2.60 -14.42
C3B ACP D . -8.45 -1.34 -13.13
PA ACP D . -8.52 -4.63 -12.27
O1A ACP D . -8.87 -3.88 -11.01
O2A ACP D . -7.31 -5.47 -12.01
O3A ACP D . -8.20 -3.74 -13.42
O5' ACP D . -9.71 -5.42 -12.75
C5' ACP D . -10.18 -5.31 -14.11
C4' ACP D . -11.39 -6.24 -14.29
O4' ACP D . -10.99 -7.48 -14.79
C3' ACP D . -11.93 -6.68 -12.94
O3' ACP D . -13.23 -7.21 -13.16
C2' ACP D . -11.11 -7.86 -12.57
O2' ACP D . -11.93 -8.50 -11.61
C1' ACP D . -11.07 -8.57 -13.88
N9 ACP D . -9.85 -9.27 -14.33
C8 ACP D . -8.58 -8.83 -14.33
N7 ACP D . -7.75 -9.76 -14.88
C5 ACP D . -8.50 -10.78 -15.30
C6 ACP D . -8.28 -12.04 -15.98
N6 ACP D . -7.02 -12.44 -16.35
N1 ACP D . -9.34 -12.79 -16.23
C2 ACP D . -10.58 -12.42 -15.89
N3 ACP D . -10.86 -11.29 -15.23
C4 ACP D . -9.88 -10.44 -14.94
MG MG E . 4.39 -4.01 10.27
PG ACP F . 6.42 -4.73 12.79
O1G ACP F . 5.91 -3.33 13.09
O2G ACP F . 5.98 -5.11 11.39
O3G ACP F . 7.92 -4.83 12.92
PB ACP F . 4.11 -6.08 13.41
O1B ACP F . 3.81 -5.62 12.01
O2B ACP F . 3.18 -5.30 14.28
C3B ACP F . 5.73 -5.82 13.93
PA ACP F . 3.75 -8.72 12.82
O1A ACP F . 4.68 -8.52 11.64
O2A ACP F . 2.35 -8.90 12.25
O3A ACP F . 3.78 -7.53 13.76
O5' ACP F . 4.27 -9.94 13.50
C5' ACP F . 4.59 -10.08 14.86
C4' ACP F . 4.95 -11.56 15.02
O4' ACP F . 3.93 -12.36 15.55
C3' ACP F . 5.13 -12.18 13.66
O3' ACP F . 6.06 -13.23 13.93
C2' ACP F . 3.74 -12.70 13.27
O2' ACP F . 3.78 -13.77 12.35
C1' ACP F . 3.23 -13.19 14.59
N9 ACP F . 1.81 -12.98 14.97
C8 ACP F . 1.03 -11.90 14.80
N7 ACP F . -0.19 -12.10 15.38
C5 ACP F . -0.14 -13.31 15.97
C6 ACP F . -1.04 -14.16 16.76
N6 ACP F . -2.32 -13.75 17.09
N1 ACP F . -0.60 -15.35 17.15
C2 ACP F . 0.62 -15.78 16.86
N3 ACP F . 1.48 -15.06 16.15
C4 ACP F . 1.16 -13.86 15.70
#